data_2HMZ
#
_entry.id   2HMZ
#
_cell.length_a   86.600
_cell.length_b   86.600
_cell.length_c   80.800
_cell.angle_alpha   90.00
_cell.angle_beta   90.00
_cell.angle_gamma   90.00
#
_symmetry.space_group_name_H-M   'P 4'
#
loop_
_entity.id
_entity.type
_entity.pdbx_description
1 polymer HEMERYTHRIN
2 non-polymer 'ACETATE ION'
3 non-polymer MONOAZIDO-MU-OXO-DIIRON
4 water water
#
_entity_poly.entity_id   1
_entity_poly.type   'polypeptide(L)'
_entity_poly.pdbx_seq_one_letter_code
;GFPIPDPYCWDISFRTFYTIIDDEHKTLFNGILLLSQADNADHLNELRRCTGKHFLNEQQLMQASQYAGYAEHKKAHDDF
IHKLDTWDGDVTYAKNWLVNHIKTIDFKYRGKI
;
_entity_poly.pdbx_strand_id   A,B,C,D
#
# COMPACT_ATOMS: atom_id res chain seq x y z
N GLY A 1 -5.48 6.53 -14.05
CA GLY A 1 -5.04 6.66 -15.47
C GLY A 1 -4.17 7.90 -15.73
N PHE A 2 -2.89 7.56 -16.05
CA PHE A 2 -1.98 8.71 -16.32
C PHE A 2 -2.02 8.95 -17.84
N PRO A 3 -1.76 10.19 -18.15
CA PRO A 3 -1.64 10.59 -19.55
C PRO A 3 -0.48 9.80 -20.19
N ILE A 4 -0.62 9.44 -21.42
CA ILE A 4 0.42 8.76 -22.20
C ILE A 4 1.17 9.84 -22.93
N PRO A 5 2.43 10.06 -22.67
CA PRO A 5 3.21 11.09 -23.38
C PRO A 5 3.21 10.84 -24.90
N ASP A 6 3.24 11.95 -25.58
CA ASP A 6 3.32 12.06 -27.04
C ASP A 6 4.21 13.27 -27.38
N PRO A 7 5.38 13.03 -27.98
CA PRO A 7 5.92 11.72 -28.34
C PRO A 7 6.12 10.90 -27.07
N TYR A 8 6.12 9.60 -27.32
CA TYR A 8 6.30 8.63 -26.24
C TYR A 8 7.79 8.53 -25.84
N CYS A 9 8.17 9.49 -25.04
CA CYS A 9 9.46 9.59 -24.44
C CYS A 9 9.23 10.07 -22.97
N TRP A 10 10.31 9.70 -22.26
CA TRP A 10 10.36 9.99 -20.81
C TRP A 10 10.25 11.48 -20.58
N ASP A 11 9.60 11.87 -19.53
CA ASP A 11 9.62 13.33 -19.12
C ASP A 11 9.90 13.33 -17.62
N ILE A 12 10.16 14.52 -17.06
CA ILE A 12 10.53 14.59 -15.64
C ILE A 12 9.42 14.27 -14.66
N SER A 13 8.19 14.10 -15.13
CA SER A 13 7.10 13.70 -14.24
C SER A 13 7.33 12.24 -13.76
N PHE A 14 8.15 11.50 -14.52
CA PHE A 14 8.45 10.08 -14.22
C PHE A 14 9.62 9.96 -13.29
N ARG A 15 10.18 11.09 -12.88
CA ARG A 15 11.35 11.04 -12.01
C ARG A 15 11.14 10.26 -10.74
N THR A 16 12.11 9.36 -10.43
CA THR A 16 12.05 8.61 -9.21
C THR A 16 13.04 9.16 -8.20
N PHE A 17 14.00 9.97 -8.64
CA PHE A 17 15.07 10.51 -7.75
C PHE A 17 16.24 9.59 -7.56
N TYR A 18 16.16 8.45 -8.19
CA TYR A 18 17.22 7.51 -8.32
C TYR A 18 17.71 7.71 -9.78
N THR A 19 18.84 8.37 -9.91
CA THR A 19 19.41 8.67 -11.23
C THR A 19 19.69 7.45 -12.06
N ILE A 20 20.24 6.40 -11.59
CA ILE A 20 20.47 5.20 -12.40
C ILE A 20 19.15 4.63 -12.86
N ILE A 21 18.14 4.58 -12.01
CA ILE A 21 16.82 4.08 -12.35
C ILE A 21 16.22 4.99 -13.44
N VAL A 21 18.14 4.58 -12.01
CA VAL A 21 16.82 4.08 -12.35
C VAL A 21 16.22 4.99 -13.44
N ASP A 22 16.18 6.28 -13.22
CA ASP A 22 15.64 7.19 -14.24
C ASP A 22 16.30 6.96 -15.58
N ASP A 23 17.62 6.85 -15.65
CA ASP A 23 18.34 6.62 -16.95
C ASP A 23 17.90 5.33 -17.56
N GLU A 24 17.69 4.29 -16.77
CA GLU A 24 17.19 3.03 -17.34
C GLU A 24 15.78 3.21 -17.85
N HIS A 25 14.96 3.92 -17.08
CA HIS A 25 13.55 4.14 -17.54
C HIS A 25 13.47 4.84 -18.89
N LYS A 26 14.36 5.73 -19.17
CA LYS A 26 14.43 6.44 -20.48
C LYS A 26 14.59 5.42 -21.57
N THR A 27 15.36 4.36 -21.37
CA THR A 27 15.59 3.35 -22.38
C THR A 27 14.32 2.60 -22.63
N LEU A 28 13.41 2.42 -21.68
CA LEU A 28 12.20 1.62 -21.87
C LEU A 28 11.24 2.49 -22.70
N PHE A 29 11.13 3.76 -22.42
CA PHE A 29 10.28 4.64 -23.29
C PHE A 29 10.75 4.52 -24.74
N ASN A 30 12.05 4.71 -24.91
CA ASN A 30 12.65 4.61 -26.25
C ASN A 30 12.34 3.27 -26.91
N GLY A 31 12.49 2.12 -26.29
CA GLY A 31 12.21 0.82 -26.91
C GLY A 31 10.73 0.73 -27.39
N ILE A 32 9.79 1.25 -26.61
CA ILE A 32 8.35 1.21 -27.00
C ILE A 32 8.15 2.16 -28.15
N LEU A 33 8.71 3.36 -28.10
CA LEU A 33 8.59 4.29 -29.22
C LEU A 33 9.07 3.63 -30.52
N LEU A 34 10.21 2.95 -30.54
CA LEU A 34 10.72 2.31 -31.76
C LEU A 34 9.70 1.30 -32.27
N LEU A 35 9.15 0.47 -31.38
CA LEU A 35 8.19 -0.54 -31.82
C LEU A 35 6.97 0.16 -32.42
N SER A 36 6.61 1.30 -31.90
CA SER A 36 5.43 2.10 -32.39
C SER A 36 5.78 2.61 -33.78
N GLN A 37 7.04 2.83 -34.07
CA GLN A 37 7.52 3.25 -35.41
C GLN A 37 7.61 2.09 -36.40
N ALA A 38 8.05 0.93 -36.03
CA ALA A 38 8.21 -0.27 -36.81
C ALA A 38 8.28 -1.47 -35.85
N ASP A 39 7.26 -2.28 -35.92
CA ASP A 39 7.18 -3.48 -35.11
C ASP A 39 8.04 -4.55 -35.75
N ASN A 40 9.32 -4.56 -35.52
CA ASN A 40 10.22 -5.61 -36.06
C ASN A 40 11.07 -6.24 -34.93
N ALA A 41 11.92 -7.15 -35.35
CA ALA A 41 12.77 -7.92 -34.43
C ALA A 41 13.85 -7.05 -33.80
N ASP A 42 14.49 -6.17 -34.53
CA ASP A 42 15.49 -5.30 -33.99
C ASP A 42 14.92 -4.46 -32.84
N HIS A 43 13.82 -3.82 -33.15
CA HIS A 43 13.20 -2.96 -32.09
C HIS A 43 12.78 -3.80 -30.92
N LEU A 44 12.18 -4.97 -31.16
CA LEU A 44 11.82 -5.81 -30.01
C LEU A 44 13.07 -6.21 -29.21
N ASN A 45 14.10 -6.71 -29.82
CA ASN A 45 15.31 -7.08 -29.13
C ASN A 45 15.79 -5.94 -28.21
N GLU A 46 15.79 -4.75 -28.77
CA GLU A 46 16.27 -3.59 -28.01
C GLU A 46 15.47 -3.36 -26.73
N LEU A 47 14.15 -3.33 -26.91
CA LEU A 47 13.31 -3.16 -25.78
C LEU A 47 13.49 -4.34 -24.82
N ARG A 48 13.49 -5.54 -25.31
CA ARG A 48 13.56 -6.75 -24.48
C ARG A 48 14.85 -6.77 -23.69
N ARG A 49 15.98 -6.38 -24.30
CA ARG A 49 17.26 -6.35 -23.59
C ARG A 49 17.15 -5.30 -22.47
N CYS A 50 16.75 -4.11 -22.82
CA CYS A 50 16.69 -3.01 -21.84
C CYS A 50 15.73 -3.30 -20.71
N THR A 51 14.62 -3.91 -21.00
CA THR A 51 13.66 -4.30 -19.98
C THR A 51 14.21 -5.38 -19.05
N GLY A 52 14.80 -6.45 -19.61
CA GLY A 52 15.36 -7.52 -18.75
C GLY A 52 16.41 -6.93 -17.83
N LYS A 53 17.27 -6.11 -18.34
CA LYS A 53 18.38 -5.51 -17.56
C LYS A 53 17.79 -4.56 -16.51
N HIS A 54 16.85 -3.70 -16.90
CA HIS A 54 16.27 -2.75 -15.95
C HIS A 54 15.59 -3.50 -14.82
N PHE A 55 14.75 -4.46 -15.11
CA PHE A 55 14.02 -5.27 -14.08
C PHE A 55 15.00 -5.93 -13.12
N LEU A 56 16.10 -6.50 -13.63
CA LEU A 56 17.06 -7.11 -12.70
C LEU A 56 17.79 -6.07 -11.85
N ASN A 57 18.19 -4.97 -12.40
CA ASN A 57 18.84 -3.93 -11.63
C ASN A 57 17.90 -3.37 -10.56
N GLU A 58 16.68 -3.10 -10.96
CA GLU A 58 15.75 -2.51 -9.97
C GLU A 58 15.47 -3.46 -8.89
N GLN A 59 15.41 -4.75 -9.18
CA GLN A 59 15.22 -5.85 -8.24
C GLN A 59 16.40 -5.90 -7.28
N GLN A 60 17.60 -5.72 -7.87
CA GLN A 60 18.78 -5.74 -6.98
C GLN A 60 18.72 -4.58 -6.03
N LEU A 61 18.40 -3.40 -6.49
CA LEU A 61 18.27 -2.23 -5.60
C LEU A 61 17.26 -2.47 -4.49
N MET A 62 16.11 -3.09 -4.81
CA MET A 62 15.11 -3.43 -3.81
C MET A 62 15.71 -4.39 -2.77
N GLN A 63 16.35 -5.44 -3.21
CA GLN A 63 16.96 -6.43 -2.31
C GLN A 63 18.02 -5.80 -1.42
N ALA A 64 18.74 -4.84 -1.84
CA ALA A 64 19.86 -4.24 -1.05
C ALA A 64 19.33 -3.62 0.24
N SER A 65 18.06 -3.24 0.25
CA SER A 65 17.48 -2.67 1.48
C SER A 65 16.42 -3.62 2.00
N GLN A 66 16.32 -4.85 1.56
CA GLN A 66 15.33 -5.81 1.95
C GLN A 66 13.93 -5.21 1.84
N TYR A 67 13.67 -4.50 0.75
CA TYR A 67 12.37 -3.87 0.51
C TYR A 67 11.23 -4.85 0.66
N ALA A 68 10.25 -4.50 1.47
CA ALA A 68 9.08 -5.28 1.81
C ALA A 68 8.19 -5.55 0.60
N GLY A 69 8.18 -4.70 -0.42
CA GLY A 69 7.29 -4.96 -1.59
C GLY A 69 8.00 -5.70 -2.68
N TYR A 70 9.15 -6.29 -2.44
CA TYR A 70 9.93 -6.95 -3.49
C TYR A 70 9.18 -7.99 -4.26
N ALA A 71 8.55 -8.93 -3.55
CA ALA A 71 7.95 -10.08 -4.22
C ALA A 71 6.87 -9.66 -5.17
N GLU A 72 6.03 -8.78 -4.73
CA GLU A 72 4.91 -8.33 -5.56
C GLU A 72 5.45 -7.56 -6.74
N HIS A 73 6.47 -6.78 -6.46
CA HIS A 73 7.09 -5.98 -7.58
C HIS A 73 7.76 -6.93 -8.58
N LYS A 74 8.49 -7.89 -8.16
CA LYS A 74 9.16 -8.83 -9.08
C LYS A 74 8.12 -9.53 -9.95
N LYS A 75 6.99 -9.89 -9.36
CA LYS A 75 5.91 -10.55 -10.12
C LYS A 75 5.41 -9.65 -11.22
N ALA A 76 5.18 -8.37 -11.02
CA ALA A 76 4.73 -7.43 -12.03
C ALA A 76 5.73 -7.38 -13.20
N HIS A 77 7.03 -7.33 -12.84
CA HIS A 77 8.10 -7.35 -13.88
C HIS A 77 8.08 -8.58 -14.75
N ASP A 78 8.01 -9.71 -14.06
CA ASP A 78 8.02 -11.02 -14.70
C ASP A 78 6.85 -11.16 -15.64
N ASP A 79 5.71 -10.67 -15.26
CA ASP A 79 4.51 -10.69 -16.15
C ASP A 79 4.78 -9.87 -17.37
N PHE A 80 5.45 -8.73 -17.27
CA PHE A 80 5.70 -7.95 -18.50
C PHE A 80 6.71 -8.64 -19.40
N ILE A 81 7.77 -9.24 -18.81
CA ILE A 81 8.75 -9.99 -19.63
C ILE A 81 8.00 -11.06 -20.48
N HIS A 82 7.12 -11.75 -19.77
CA HIS A 82 6.27 -12.79 -20.45
C HIS A 82 5.54 -12.20 -21.63
N LYS A 83 5.00 -11.00 -21.46
CA LYS A 83 4.32 -10.33 -22.58
C LYS A 83 5.31 -10.02 -23.70
N LEU A 84 6.52 -9.56 -23.37
CA LEU A 84 7.46 -9.29 -24.43
C LEU A 84 7.88 -10.57 -25.10
N ASP A 85 7.99 -11.64 -24.31
CA ASP A 85 8.44 -12.94 -24.89
C ASP A 85 7.34 -13.64 -25.73
N THR A 86 6.14 -13.18 -25.66
CA THR A 86 5.02 -13.71 -26.43
C THR A 86 4.45 -12.55 -27.21
N TRP A 87 5.29 -11.62 -27.65
CA TRP A 87 4.90 -10.36 -28.30
C TRP A 87 3.88 -10.59 -29.45
N ASP A 88 2.77 -9.92 -29.32
CA ASP A 88 1.65 -9.96 -30.24
C ASP A 88 1.54 -8.64 -31.01
N GLY A 89 2.35 -7.65 -30.81
CA GLY A 89 2.31 -6.37 -31.46
C GLY A 89 1.39 -5.31 -30.88
N ASP A 90 0.90 -5.49 -29.67
CA ASP A 90 0.05 -4.54 -29.00
C ASP A 90 0.91 -3.47 -28.28
N VAL A 91 1.24 -2.48 -29.08
CA VAL A 91 2.04 -1.35 -28.60
C VAL A 91 1.25 -0.54 -27.59
N THR A 92 -0.07 -0.47 -27.82
CA THR A 92 -0.92 0.31 -26.95
C THR A 92 -0.85 -0.21 -25.54
N TYR A 93 -0.89 -1.52 -25.44
CA TYR A 93 -0.83 -2.13 -24.12
C TYR A 93 0.50 -1.70 -23.47
N ALA A 94 1.56 -1.91 -24.27
CA ALA A 94 2.91 -1.62 -23.72
C ALA A 94 2.99 -0.19 -23.26
N LYS A 95 2.55 0.79 -24.07
CA LYS A 95 2.63 2.19 -23.71
C LYS A 95 1.93 2.48 -22.39
N ASN A 96 0.77 1.90 -22.25
CA ASN A 96 0.02 2.08 -21.01
C ASN A 96 0.75 1.38 -19.83
N TRP A 97 1.14 0.13 -20.08
CA TRP A 97 1.76 -0.66 -18.99
C TRP A 97 2.92 0.10 -18.41
N LEU A 98 3.82 0.63 -19.22
CA LEU A 98 5.02 1.26 -18.68
C LEU A 98 4.65 2.46 -17.85
N VAL A 99 3.80 3.35 -18.38
CA VAL A 99 3.43 4.58 -17.64
C VAL A 99 2.85 4.19 -16.29
N ASN A 100 1.94 3.27 -16.31
CA ASN A 100 1.33 2.87 -15.05
C ASN A 100 2.32 2.21 -14.07
N HIS A 101 3.21 1.38 -14.63
CA HIS A 101 4.14 0.67 -13.72
C HIS A 101 5.03 1.66 -13.01
N ILE A 102 5.54 2.63 -13.74
CA ILE A 102 6.44 3.54 -13.09
C ILE A 102 5.71 4.42 -12.06
N LYS A 103 4.60 5.04 -12.55
CA LYS A 103 3.90 6.02 -11.66
C LYS A 103 3.13 5.37 -10.56
N THR A 104 2.80 4.08 -10.53
CA THR A 104 2.15 3.50 -9.35
C THR A 104 2.99 2.42 -8.69
N ILE A 105 3.83 1.63 -9.35
CA ILE A 105 4.55 0.55 -8.66
C ILE A 105 5.98 0.99 -8.30
N ASP A 106 6.71 1.52 -9.27
CA ASP A 106 8.04 2.01 -8.97
C ASP A 106 7.97 3.16 -7.99
N PHE A 107 7.00 4.06 -8.18
CA PHE A 107 6.97 5.22 -7.24
C PHE A 107 6.82 4.77 -5.78
N LYS A 108 6.23 3.62 -5.55
CA LYS A 108 6.07 3.14 -4.17
C LYS A 108 7.38 2.79 -3.48
N TYR A 109 8.47 2.51 -4.20
CA TYR A 109 9.71 2.19 -3.47
C TYR A 109 10.46 3.44 -3.08
N ARG A 110 10.14 4.62 -3.61
CA ARG A 110 10.87 5.88 -3.30
C ARG A 110 10.96 6.18 -1.79
N GLY A 111 12.19 6.39 -1.31
CA GLY A 111 12.47 6.61 0.09
C GLY A 111 12.69 5.33 0.85
N LYS A 112 12.48 4.16 0.27
CA LYS A 112 12.56 2.87 0.96
C LYS A 112 13.74 2.04 0.50
N ILE A 113 14.33 2.46 -0.58
CA ILE A 113 15.51 1.73 -1.12
C ILE A 113 16.59 2.73 -1.41
N GLY B 1 20.64 31.21 6.13
CA GLY B 1 20.91 30.90 7.61
C GLY B 1 19.79 30.07 8.25
N PHE B 2 20.09 28.82 8.60
CA PHE B 2 19.11 27.84 9.05
C PHE B 2 19.19 27.56 10.52
N PRO B 3 18.11 27.06 11.09
CA PRO B 3 18.07 26.58 12.47
C PRO B 3 18.99 25.38 12.71
N ILE B 4 19.47 25.36 13.94
CA ILE B 4 20.35 24.29 14.43
C ILE B 4 19.46 23.30 15.14
N PRO B 5 19.40 22.08 14.62
CA PRO B 5 18.53 21.10 15.28
C PRO B 5 18.97 20.88 16.72
N ASP B 6 18.01 20.61 17.57
CA ASP B 6 18.36 20.30 19.00
C ASP B 6 17.56 19.06 19.38
N PRO B 7 18.05 17.90 19.68
CA PRO B 7 19.45 17.52 19.78
C PRO B 7 20.06 17.61 18.40
N TYR B 8 21.36 17.79 18.35
CA TYR B 8 22.10 17.87 17.09
C TYR B 8 22.27 16.54 16.39
N CYS B 9 21.20 16.09 15.75
CA CYS B 9 21.18 14.92 14.91
C CYS B 9 20.35 15.33 13.65
N TRP B 10 20.72 14.47 12.71
CA TRP B 10 20.18 14.66 11.36
C TRP B 10 18.69 14.65 11.38
N ASP B 11 18.03 15.37 10.53
CA ASP B 11 16.54 15.21 10.41
C ASP B 11 16.22 15.17 8.92
N ILE B 12 15.00 14.83 8.54
CA ILE B 12 14.68 14.68 7.11
C ILE B 12 14.67 15.99 6.38
N SER B 13 14.78 17.15 7.04
CA SER B 13 14.85 18.43 6.29
C SER B 13 16.17 18.53 5.54
N PHE B 14 17.12 17.65 5.93
CA PHE B 14 18.46 17.64 5.31
C PHE B 14 18.55 16.64 4.20
N ARG B 15 17.49 15.95 3.88
CA ARG B 15 17.56 14.98 2.81
C ARG B 15 18.03 15.55 1.49
N THR B 16 18.96 14.88 0.85
CA THR B 16 19.46 15.25 -0.42
C THR B 16 18.79 14.31 -1.44
N PHE B 17 18.23 13.22 -1.04
CA PHE B 17 17.61 12.20 -1.89
C PHE B 17 18.62 11.26 -2.57
N TYR B 18 19.86 11.38 -2.20
CA TYR B 18 20.96 10.46 -2.51
C TYR B 18 21.12 9.68 -1.15
N THR B 19 20.55 8.48 -1.06
CA THR B 19 20.60 7.74 0.23
C THR B 19 21.98 7.51 0.72
N ILE B 20 22.98 7.26 -0.07
CA ILE B 20 24.33 7.06 0.42
C ILE B 20 24.86 8.34 1.08
N ILE B 21 24.57 9.47 0.43
CA ILE B 21 24.96 10.79 0.92
C ILE B 21 24.24 11.08 2.24
N VAL B 21 24.57 9.47 0.43
CA VAL B 21 24.96 10.79 0.92
C VAL B 21 24.24 11.08 2.24
N ASP B 22 22.95 10.85 2.26
CA ASP B 22 22.21 11.15 3.48
C ASP B 22 22.80 10.32 4.60
N ASP B 23 23.05 9.03 4.34
CA ASP B 23 23.59 8.16 5.45
C ASP B 23 24.92 8.66 5.93
N GLU B 24 25.84 9.05 5.06
CA GLU B 24 27.08 9.69 5.48
C GLU B 24 26.84 10.96 6.28
N HIS B 25 25.88 11.78 5.82
CA HIS B 25 25.56 13.03 6.59
C HIS B 25 25.17 12.75 8.02
N LYS B 26 24.43 11.68 8.28
CA LYS B 26 23.99 11.31 9.63
C LYS B 26 25.24 11.10 10.50
N THR B 27 26.31 10.58 9.90
CA THR B 27 27.52 10.38 10.68
C THR B 27 28.20 11.67 11.09
N LEU B 28 28.10 12.69 10.29
CA LEU B 28 28.73 14.00 10.55
C LEU B 28 27.95 14.64 11.73
N PHE B 29 26.62 14.60 11.64
CA PHE B 29 25.84 15.14 12.77
C PHE B 29 26.26 14.46 14.08
N ASN B 30 26.35 13.15 14.02
CA ASN B 30 26.71 12.36 15.24
C ASN B 30 28.11 12.78 15.73
N GLY B 31 29.05 12.95 14.81
CA GLY B 31 30.42 13.31 15.17
C GLY B 31 30.44 14.64 15.97
N ILE B 32 29.71 15.62 15.50
CA ILE B 32 29.62 16.93 16.15
C ILE B 32 28.84 16.78 17.46
N LEU B 33 27.81 15.98 17.50
CA LEU B 33 27.13 15.70 18.74
C LEU B 33 28.13 15.17 19.77
N LEU B 34 28.94 14.18 19.48
CA LEU B 34 29.93 13.66 20.42
C LEU B 34 30.83 14.76 20.96
N LEU B 35 31.36 15.58 20.15
CA LEU B 35 32.25 16.66 20.52
C LEU B 35 31.53 17.62 21.47
N SER B 36 30.27 17.80 21.17
CA SER B 36 29.44 18.70 22.00
C SER B 36 29.33 18.07 23.38
N GLN B 37 29.45 16.78 23.51
CA GLN B 37 29.33 16.10 24.80
C GLN B 37 30.67 15.97 25.50
N ALA B 38 31.75 15.72 24.84
CA ALA B 38 33.04 15.55 25.46
C ALA B 38 34.03 15.92 24.37
N ASP B 39 34.71 17.01 24.59
CA ASP B 39 35.71 17.40 23.57
C ASP B 39 36.97 16.63 23.88
N ASN B 40 37.06 15.48 23.26
CA ASN B 40 38.27 14.64 23.47
C ASN B 40 38.77 14.15 22.10
N ALA B 41 39.82 13.38 22.12
CA ALA B 41 40.41 12.78 20.93
C ALA B 41 39.57 11.64 20.36
N ASP B 42 38.94 10.76 21.11
CA ASP B 42 38.11 9.76 20.48
C ASP B 42 37.05 10.38 19.59
N HIS B 43 36.40 11.35 20.18
CA HIS B 43 35.30 12.03 19.44
C HIS B 43 35.74 12.76 18.25
N LEU B 44 36.88 13.44 18.34
CA LEU B 44 37.42 14.16 17.20
C LEU B 44 37.91 13.18 16.12
N ASN B 45 38.48 12.06 16.44
CA ASN B 45 38.98 11.09 15.45
C ASN B 45 37.80 10.54 14.59
N GLU B 46 36.74 10.28 15.40
CA GLU B 46 35.49 9.77 14.83
C GLU B 46 34.94 10.76 13.82
N LEU B 47 34.78 12.05 14.25
CA LEU B 47 34.27 13.06 13.31
C LEU B 47 35.27 13.21 12.15
N ARG B 48 36.56 13.28 12.39
CA ARG B 48 37.56 13.48 11.37
C ARG B 48 37.56 12.38 10.32
N ARG B 49 37.47 11.15 10.75
CA ARG B 49 37.38 10.01 9.83
C ARG B 49 36.14 10.15 8.99
N CYS B 50 34.98 10.24 9.62
CA CYS B 50 33.72 10.36 8.87
C CYS B 50 33.73 11.52 7.89
N THR B 51 34.21 12.69 8.31
CA THR B 51 34.29 13.86 7.44
C THR B 51 35.22 13.61 6.26
N GLY B 52 36.42 13.10 6.50
CA GLY B 52 37.34 12.85 5.40
C GLY B 52 36.71 11.90 4.35
N LYS B 53 36.11 10.84 4.87
CA LYS B 53 35.52 9.82 4.01
C LYS B 53 34.38 10.42 3.21
N HIS B 54 33.48 11.15 3.90
CA HIS B 54 32.28 11.72 3.23
C HIS B 54 32.71 12.69 2.15
N PHE B 55 33.59 13.62 2.50
CA PHE B 55 34.05 14.60 1.48
C PHE B 55 34.62 13.91 0.29
N LEU B 56 35.46 12.91 0.46
CA LEU B 56 36.00 12.25 -0.74
C LEU B 56 34.92 11.53 -1.56
N ASN B 57 34.03 10.82 -0.97
CA ASN B 57 32.92 10.12 -1.67
C ASN B 57 32.10 11.10 -2.41
N GLU B 58 31.73 12.18 -1.65
CA GLU B 58 30.85 13.20 -2.27
C GLU B 58 31.56 13.83 -3.44
N GLN B 59 32.80 14.08 -3.38
CA GLN B 59 33.65 14.62 -4.42
C GLN B 59 33.68 13.63 -5.60
N GLN B 60 33.78 12.35 -5.32
CA GLN B 60 33.78 11.36 -6.41
C GLN B 60 32.46 11.37 -7.16
N LEU B 61 31.39 11.43 -6.37
CA LEU B 61 30.06 11.48 -6.94
C LEU B 61 29.94 12.70 -7.90
N MET B 62 30.39 13.88 -7.51
CA MET B 62 30.37 15.06 -8.32
C MET B 62 31.18 14.85 -9.59
N GLN B 63 32.34 14.28 -9.47
CA GLN B 63 33.26 14.01 -10.58
C GLN B 63 32.66 13.05 -11.60
N ALA B 64 31.94 12.05 -11.17
CA ALA B 64 31.30 11.07 -12.08
C ALA B 64 30.36 11.70 -13.10
N SER B 65 29.82 12.87 -12.85
CA SER B 65 28.92 13.55 -13.82
C SER B 65 29.55 14.86 -14.28
N GLN B 66 30.84 14.97 -14.04
CA GLN B 66 31.63 16.19 -14.33
C GLN B 66 30.94 17.44 -13.80
N TYR B 67 30.52 17.44 -12.53
CA TYR B 67 29.75 18.54 -11.94
C TYR B 67 30.52 19.86 -12.06
N ALA B 68 29.74 20.81 -12.60
CA ALA B 68 30.22 22.21 -12.84
C ALA B 68 30.58 22.96 -11.55
N GLY B 69 30.07 22.69 -10.38
CA GLY B 69 30.39 23.38 -9.12
C GLY B 69 31.37 22.63 -8.25
N TYR B 70 32.08 21.72 -8.91
CA TYR B 70 33.01 20.90 -8.11
C TYR B 70 34.05 21.66 -7.34
N ALA B 71 34.77 22.52 -8.07
CA ALA B 71 35.96 23.25 -7.52
C ALA B 71 35.61 24.10 -6.34
N GLU B 72 34.48 24.82 -6.37
CA GLU B 72 34.08 25.63 -5.22
C GLU B 72 33.68 24.73 -4.06
N HIS B 73 33.06 23.62 -4.47
CA HIS B 73 32.59 22.67 -3.47
C HIS B 73 33.79 22.03 -2.80
N LYS B 74 34.75 21.56 -3.57
CA LYS B 74 35.95 20.95 -2.98
C LYS B 74 36.66 21.93 -2.08
N LYS B 75 36.77 23.19 -2.51
CA LYS B 75 37.47 24.15 -1.56
C LYS B 75 36.72 24.30 -0.28
N ALA B 76 35.40 24.31 -0.22
CA ALA B 76 34.64 24.39 1.03
C ALA B 76 35.06 23.22 1.92
N HIS B 77 35.07 22.01 1.30
CA HIS B 77 35.39 20.81 2.09
C HIS B 77 36.74 20.90 2.75
N ASP B 78 37.75 21.16 1.94
CA ASP B 78 39.17 21.28 2.33
C ASP B 78 39.36 22.32 3.43
N ASP B 79 38.57 23.39 3.44
CA ASP B 79 38.70 24.40 4.54
C ASP B 79 38.28 23.81 5.87
N PHE B 80 37.14 23.06 5.82
CA PHE B 80 36.58 22.42 7.00
C PHE B 80 37.53 21.30 7.50
N ILE B 81 38.12 20.47 6.66
CA ILE B 81 39.10 19.46 7.08
C ILE B 81 40.20 20.16 7.89
N HIS B 82 40.70 21.23 7.26
CA HIS B 82 41.71 22.11 7.86
C HIS B 82 41.30 22.58 9.25
N LYS B 83 40.08 23.03 9.47
CA LYS B 83 39.63 23.41 10.81
C LYS B 83 39.76 22.21 11.73
N LEU B 84 39.36 21.04 11.19
CA LEU B 84 39.39 19.86 12.08
C LEU B 84 40.82 19.49 12.39
N ASP B 85 41.69 19.67 11.42
CA ASP B 85 43.08 19.30 11.66
C ASP B 85 43.73 20.31 12.63
N THR B 86 43.13 21.44 12.87
CA THR B 86 43.65 22.47 13.81
C THR B 86 42.59 22.73 14.86
N TRP B 87 41.84 21.70 15.30
CA TRP B 87 40.71 21.81 16.19
C TRP B 87 41.04 22.77 17.37
N ASP B 88 40.08 23.66 17.60
CA ASP B 88 40.13 24.70 18.61
C ASP B 88 39.09 24.53 19.72
N GLY B 89 38.18 23.62 19.52
CA GLY B 89 37.13 23.31 20.44
C GLY B 89 35.90 24.13 20.14
N ASP B 90 35.97 24.83 19.02
CA ASP B 90 34.76 25.63 18.71
C ASP B 90 33.66 24.74 18.10
N VAL B 91 32.82 24.20 18.93
CA VAL B 91 31.73 23.28 18.61
C VAL B 91 30.62 24.05 17.91
N THR B 92 30.54 25.33 18.30
CA THR B 92 29.45 26.20 17.79
C THR B 92 29.63 26.45 16.30
N TYR B 93 30.83 26.72 15.94
CA TYR B 93 31.24 26.93 14.58
C TYR B 93 30.83 25.68 13.75
N ALA B 94 31.27 24.54 14.27
CA ALA B 94 31.11 23.22 13.62
C ALA B 94 29.64 22.94 13.43
N LYS B 95 28.78 23.25 14.40
CA LYS B 95 27.33 23.02 14.34
C LYS B 95 26.70 23.82 13.20
N ASN B 96 27.14 25.08 13.09
CA ASN B 96 26.66 25.99 12.07
C ASN B 96 27.18 25.64 10.69
N TRP B 97 28.46 25.36 10.66
CA TRP B 97 29.11 25.04 9.40
C TRP B 97 28.36 23.90 8.71
N LEU B 98 28.17 22.79 9.40
CA LEU B 98 27.53 21.65 8.77
C LEU B 98 26.15 21.98 8.29
N VAL B 99 25.29 22.56 9.09
CA VAL B 99 23.92 22.85 8.69
C VAL B 99 23.92 23.67 7.40
N ASN B 100 24.75 24.66 7.41
CA ASN B 100 24.83 25.57 6.24
C ASN B 100 25.44 24.92 5.04
N HIS B 101 26.46 24.10 5.24
CA HIS B 101 27.11 23.40 4.11
C HIS B 101 26.11 22.50 3.39
N ILE B 102 25.37 21.73 4.15
CA ILE B 102 24.41 20.83 3.51
C ILE B 102 23.31 21.61 2.79
N LYS B 103 22.67 22.51 3.54
CA LYS B 103 21.47 23.20 3.03
C LYS B 103 21.81 24.21 1.96
N THR B 104 23.02 24.59 1.79
CA THR B 104 23.32 25.50 0.69
C THR B 104 24.27 24.88 -0.31
N ILE B 105 25.39 24.29 -0.03
CA ILE B 105 26.32 23.79 -1.01
C ILE B 105 25.95 22.40 -1.49
N ASP B 106 25.66 21.48 -0.59
CA ASP B 106 25.26 20.14 -1.03
C ASP B 106 23.91 20.21 -1.75
N PHE B 107 22.94 20.94 -1.25
CA PHE B 107 21.64 21.00 -1.95
C PHE B 107 21.72 21.47 -3.39
N LYS B 108 22.72 22.19 -3.72
CA LYS B 108 22.99 22.69 -5.02
C LYS B 108 23.26 21.56 -5.99
N TYR B 109 23.89 20.47 -5.57
CA TYR B 109 24.16 19.44 -6.63
C TYR B 109 22.92 18.63 -6.86
N ARG B 110 21.87 18.71 -6.09
CA ARG B 110 20.74 17.76 -6.28
C ARG B 110 20.18 17.79 -7.67
N GLY B 111 20.02 16.63 -8.33
CA GLY B 111 19.52 16.64 -9.73
C GLY B 111 20.61 16.87 -10.75
N LYS B 112 21.88 17.12 -10.36
CA LYS B 112 22.94 17.34 -11.34
C LYS B 112 23.98 16.25 -11.35
N ILE B 113 23.94 15.43 -10.33
CA ILE B 113 24.85 14.33 -10.12
C ILE B 113 24.08 13.05 -9.83
N GLY C 1 -30.74 -23.73 -10.47
CA GLY C 1 -29.40 -24.32 -10.04
C GLY C 1 -28.29 -23.29 -10.29
N PHE C 2 -27.90 -22.56 -9.22
CA PHE C 2 -26.88 -21.51 -9.38
C PHE C 2 -25.48 -22.03 -9.14
N PRO C 3 -24.55 -21.39 -9.84
CA PRO C 3 -23.13 -21.67 -9.59
C PRO C 3 -22.78 -21.28 -8.15
N ILE C 4 -21.90 -22.06 -7.55
CA ILE C 4 -21.38 -21.83 -6.19
C ILE C 4 -20.10 -21.03 -6.38
N PRO C 5 -20.04 -19.82 -5.89
CA PRO C 5 -18.83 -19.00 -6.11
C PRO C 5 -17.59 -19.64 -5.55
N ASP C 6 -16.47 -19.47 -6.19
CA ASP C 6 -15.16 -19.97 -5.71
C ASP C 6 -14.11 -18.89 -5.93
N PRO C 7 -13.52 -18.30 -4.88
CA PRO C 7 -13.74 -18.59 -3.48
C PRO C 7 -15.17 -18.23 -3.09
N TYR C 8 -15.61 -18.84 -2.00
CA TYR C 8 -16.95 -18.68 -1.48
C TYR C 8 -17.06 -17.39 -0.72
N CYS C 9 -17.16 -16.31 -1.43
CA CYS C 9 -17.38 -14.98 -0.94
C CYS C 9 -18.42 -14.36 -1.91
N TRP C 10 -19.03 -13.38 -1.29
CA TRP C 10 -20.15 -12.73 -1.94
C TRP C 10 -19.68 -12.07 -3.23
N ASP C 11 -20.53 -11.97 -4.21
CA ASP C 11 -20.19 -11.22 -5.44
C ASP C 11 -21.39 -10.38 -5.85
N ILE C 12 -21.25 -9.47 -6.78
CA ILE C 12 -22.34 -8.55 -7.08
C ILE C 12 -23.56 -9.17 -7.73
N SER C 13 -23.45 -10.41 -8.25
CA SER C 13 -24.61 -11.12 -8.80
C SER C 13 -25.68 -11.35 -7.70
N PHE C 14 -25.23 -11.25 -6.41
CA PHE C 14 -26.10 -11.48 -5.27
C PHE C 14 -26.74 -10.17 -4.85
N ARG C 15 -26.46 -9.07 -5.49
CA ARG C 15 -27.03 -7.82 -4.99
C ARG C 15 -28.52 -7.83 -4.92
N THR C 16 -29.09 -7.34 -3.82
CA THR C 16 -30.51 -7.16 -3.68
C THR C 16 -30.85 -5.71 -3.89
N PHE C 17 -29.88 -4.82 -3.85
CA PHE C 17 -30.08 -3.36 -3.89
C PHE C 17 -30.60 -2.71 -2.60
N TYR C 18 -30.56 -3.41 -1.50
CA TYR C 18 -30.77 -2.98 -0.12
C TYR C 18 -29.34 -3.09 0.47
N THR C 19 -28.66 -1.95 0.60
CA THR C 19 -27.26 -1.96 1.04
C THR C 19 -27.09 -2.61 2.39
N ILE C 20 -27.97 -2.40 3.34
CA ILE C 20 -27.78 -3.04 4.66
C ILE C 20 -27.95 -4.54 4.53
N ILE C 21 -28.87 -5.02 3.71
CA ILE C 21 -29.06 -6.43 3.47
C ILE C 21 -27.85 -6.96 2.71
N VAL C 21 -28.87 -5.02 3.71
CA VAL C 21 -29.06 -6.43 3.47
C VAL C 21 -27.85 -6.96 2.71
N ASP C 22 -27.40 -6.34 1.64
CA ASP C 22 -26.22 -6.85 0.98
C ASP C 22 -25.06 -6.99 1.94
N ASP C 23 -24.80 -6.02 2.78
CA ASP C 23 -23.64 -6.09 3.71
C ASP C 23 -23.80 -7.22 4.69
N GLU C 24 -25.01 -7.48 5.15
CA GLU C 24 -25.23 -8.65 6.03
C GLU C 24 -24.99 -9.95 5.27
N HIS C 25 -25.42 -10.04 4.01
CA HIS C 25 -25.20 -11.25 3.21
C HIS C 25 -23.73 -11.53 3.06
N LYS C 26 -22.91 -10.49 2.95
CA LYS C 26 -21.45 -10.65 2.86
C LYS C 26 -20.95 -11.43 4.10
N THR C 27 -21.51 -11.16 5.28
CA THR C 27 -21.09 -11.85 6.51
C THR C 27 -21.50 -13.32 6.50
N LEU C 28 -22.55 -13.75 5.82
CA LEU C 28 -23.02 -15.14 5.76
C LEU C 28 -22.09 -15.93 4.81
N PHE C 29 -21.71 -15.35 3.70
CA PHE C 29 -20.71 -15.98 2.84
C PHE C 29 -19.45 -16.23 3.68
N ASN C 30 -18.97 -15.17 4.37
CA ASN C 30 -17.72 -15.30 5.12
C ASN C 30 -17.85 -16.42 6.16
N GLY C 31 -18.91 -16.51 6.90
CA GLY C 31 -19.09 -17.51 7.95
C GLY C 31 -18.92 -18.95 7.38
N ILE C 32 -19.55 -19.16 6.23
CA ILE C 32 -19.45 -20.46 5.56
C ILE C 32 -18.02 -20.65 5.08
N LEU C 33 -17.39 -19.70 4.43
CA LEU C 33 -16.00 -19.83 4.05
C LEU C 33 -15.14 -20.23 5.25
N LEU C 34 -15.30 -19.65 6.40
CA LEU C 34 -14.50 -19.98 7.60
C LEU C 34 -14.66 -21.47 7.92
N LEU C 35 -15.85 -21.94 8.04
CA LEU C 35 -16.13 -23.35 8.31
C LEU C 35 -15.52 -24.25 7.23
N SER C 36 -15.54 -23.81 6.01
CA SER C 36 -14.98 -24.59 4.88
C SER C 36 -13.49 -24.70 5.14
N GLN C 37 -12.85 -23.82 5.90
CA GLN C 37 -11.45 -23.86 6.25
C GLN C 37 -11.11 -24.59 7.53
N ALA C 38 -11.89 -24.56 8.53
CA ALA C 38 -11.81 -25.17 9.81
C ALA C 38 -13.23 -25.28 10.38
N ASP C 39 -13.67 -26.50 10.40
CA ASP C 39 -15.05 -26.64 11.04
C ASP C 39 -14.82 -26.66 12.51
N ASN C 40 -14.95 -25.56 13.21
CA ASN C 40 -14.72 -25.59 14.68
C ASN C 40 -15.81 -24.70 15.28
N ALA C 41 -15.75 -24.60 16.60
CA ALA C 41 -16.75 -23.80 17.32
C ALA C 41 -16.58 -22.32 17.04
N ASP C 42 -15.43 -21.74 16.98
CA ASP C 42 -15.30 -20.33 16.75
C ASP C 42 -16.00 -19.90 15.47
N HIS C 43 -15.66 -20.67 14.45
CA HIS C 43 -16.22 -20.43 13.12
C HIS C 43 -17.69 -20.68 13.12
N LEU C 44 -18.19 -21.71 13.75
CA LEU C 44 -19.62 -21.89 13.77
C LEU C 44 -20.31 -20.75 14.54
N ASN C 45 -19.79 -20.30 15.66
CA ASN C 45 -20.40 -19.24 16.44
C ASN C 45 -20.54 -17.99 15.58
N GLU C 46 -19.49 -17.75 14.84
CA GLU C 46 -19.49 -16.54 13.97
C GLU C 46 -20.60 -16.60 12.94
N LEU C 47 -20.71 -17.78 12.27
CA LEU C 47 -21.77 -17.91 11.29
C LEU C 47 -23.14 -17.85 11.98
N ARG C 48 -23.32 -18.52 13.09
CA ARG C 48 -24.55 -18.60 13.81
C ARG C 48 -25.03 -17.20 14.28
N ARG C 49 -24.15 -16.44 14.83
CA ARG C 49 -24.45 -15.06 15.23
C ARG C 49 -24.87 -14.24 14.01
N CYS C 50 -24.12 -14.18 12.94
CA CYS C 50 -24.41 -13.45 11.69
C CYS C 50 -25.70 -13.87 11.05
N THR C 51 -25.95 -15.22 11.04
CA THR C 51 -27.20 -15.69 10.49
C THR C 51 -28.40 -15.29 11.33
N GLY C 52 -28.32 -15.52 12.64
CA GLY C 52 -29.48 -15.15 13.51
C GLY C 52 -29.80 -13.66 13.36
N LYS C 53 -28.80 -12.81 13.43
CA LYS C 53 -29.01 -11.36 13.33
C LYS C 53 -29.56 -11.02 11.94
N HIS C 54 -28.99 -11.56 10.88
CA HIS C 54 -29.44 -11.25 9.53
C HIS C 54 -30.91 -11.68 9.34
N PHE C 55 -31.25 -12.85 9.75
CA PHE C 55 -32.66 -13.33 9.57
C PHE C 55 -33.62 -12.40 10.29
N LEU C 56 -33.31 -12.01 11.50
CA LEU C 56 -34.24 -11.15 12.24
C LEU C 56 -34.33 -9.80 11.58
N ASN C 57 -33.23 -9.23 11.15
CA ASN C 57 -33.20 -7.91 10.48
C ASN C 57 -34.01 -7.92 9.19
N GLU C 58 -33.77 -8.96 8.40
CA GLU C 58 -34.51 -9.08 7.11
C GLU C 58 -35.95 -9.32 7.35
N GLN C 59 -36.31 -10.04 8.38
CA GLN C 59 -37.68 -10.26 8.74
C GLN C 59 -38.27 -8.93 9.21
N GLN C 60 -37.53 -8.13 9.97
CA GLN C 60 -38.11 -6.82 10.39
C GLN C 60 -38.40 -5.93 9.20
N LEU C 61 -37.49 -5.96 8.23
CA LEU C 61 -37.66 -5.15 6.99
C LEU C 61 -38.94 -5.59 6.25
N MET C 62 -39.11 -6.92 6.17
CA MET C 62 -40.30 -7.46 5.47
C MET C 62 -41.55 -6.98 6.23
N GLN C 63 -41.55 -7.04 7.54
CA GLN C 63 -42.74 -6.64 8.32
C GLN C 63 -43.06 -5.17 8.24
N ALA C 64 -42.08 -4.33 8.10
CA ALA C 64 -42.30 -2.86 7.98
C ALA C 64 -43.19 -2.50 6.79
N SER C 65 -43.17 -3.29 5.73
CA SER C 65 -44.07 -3.02 4.58
C SER C 65 -45.18 -4.03 4.52
N GLN C 66 -45.37 -4.80 5.55
CA GLN C 66 -46.33 -5.93 5.59
C GLN C 66 -46.16 -6.85 4.40
N TYR C 67 -44.95 -7.29 4.13
CA TYR C 67 -44.64 -8.13 2.98
C TYR C 67 -45.50 -9.39 3.03
N ALA C 68 -46.13 -9.60 1.83
CA ALA C 68 -47.03 -10.73 1.64
C ALA C 68 -46.33 -12.08 1.73
N GLY C 69 -45.06 -12.19 1.36
CA GLY C 69 -44.35 -13.47 1.43
C GLY C 69 -43.63 -13.71 2.74
N TYR C 70 -43.97 -13.00 3.80
CA TYR C 70 -43.24 -13.14 5.05
C TYR C 70 -43.25 -14.53 5.64
N ALA C 71 -44.41 -15.13 5.85
CA ALA C 71 -44.53 -16.44 6.59
C ALA C 71 -43.69 -17.53 5.98
N GLU C 72 -43.74 -17.60 4.66
CA GLU C 72 -42.98 -18.59 3.91
C GLU C 72 -41.50 -18.31 4.09
N HIS C 73 -41.16 -17.01 3.99
CA HIS C 73 -39.71 -16.69 4.13
C HIS C 73 -39.25 -17.00 5.52
N LYS C 74 -40.00 -16.69 6.55
CA LYS C 74 -39.61 -16.90 7.93
C LYS C 74 -39.36 -18.38 8.19
N LYS C 75 -40.23 -19.16 7.56
CA LYS C 75 -40.08 -20.65 7.74
C LYS C 75 -38.79 -21.09 7.12
N ALA C 76 -38.37 -20.60 5.95
CA ALA C 76 -37.11 -21.00 5.32
C ALA C 76 -35.96 -20.65 6.27
N HIS C 77 -36.00 -19.45 6.86
CA HIS C 77 -35.00 -19.01 7.80
C HIS C 77 -34.88 -19.92 9.01
N ASP C 78 -35.98 -20.20 9.65
CA ASP C 78 -36.08 -21.07 10.87
C ASP C 78 -35.50 -22.45 10.66
N ASP C 79 -35.72 -23.00 9.47
CA ASP C 79 -35.19 -24.31 9.11
C ASP C 79 -33.67 -24.21 9.12
N PHE C 80 -33.11 -23.15 8.51
CA PHE C 80 -31.63 -23.10 8.45
C PHE C 80 -31.05 -22.88 9.83
N ILE C 81 -31.68 -22.06 10.64
CA ILE C 81 -31.15 -21.85 12.00
C ILE C 81 -31.04 -23.23 12.68
N HIS C 82 -32.05 -24.03 12.47
CA HIS C 82 -32.16 -25.36 13.06
C HIS C 82 -31.01 -26.21 12.59
N LYS C 83 -30.66 -26.14 11.31
CA LYS C 83 -29.52 -26.87 10.80
C LYS C 83 -28.29 -26.40 11.58
N LEU C 84 -28.14 -25.09 11.73
CA LEU C 84 -26.93 -24.66 12.40
C LEU C 84 -26.88 -25.09 13.85
N ASP C 85 -28.05 -25.13 14.46
CA ASP C 85 -28.15 -25.51 15.86
C ASP C 85 -27.96 -27.04 16.01
N THR C 86 -27.96 -27.78 14.98
CA THR C 86 -27.74 -29.23 15.04
C THR C 86 -26.70 -29.52 13.98
N TRP C 87 -25.67 -28.71 13.98
CA TRP C 87 -24.65 -28.72 12.92
C TRP C 87 -24.10 -30.16 12.75
N ASP C 88 -24.05 -30.58 11.53
CA ASP C 88 -23.57 -31.90 11.12
C ASP C 88 -22.30 -31.85 10.28
N GLY C 89 -21.65 -30.73 10.12
CA GLY C 89 -20.41 -30.58 9.40
C GLY C 89 -20.58 -30.58 7.90
N ASP C 90 -21.80 -30.51 7.40
CA ASP C 90 -22.04 -30.55 5.96
C ASP C 90 -22.03 -29.13 5.33
N VAL C 91 -20.84 -28.76 4.97
CA VAL C 91 -20.48 -27.46 4.43
C VAL C 91 -21.07 -27.30 3.06
N THR C 92 -21.11 -28.43 2.39
CA THR C 92 -21.62 -28.40 1.01
C THR C 92 -23.04 -27.96 0.98
N TYR C 93 -23.83 -28.57 1.82
CA TYR C 93 -25.21 -28.24 1.97
C TYR C 93 -25.35 -26.70 2.21
N ALA C 94 -24.62 -26.30 3.24
CA ALA C 94 -24.71 -24.86 3.64
C ALA C 94 -24.40 -23.98 2.52
N LYS C 95 -23.32 -24.32 1.78
CA LYS C 95 -22.91 -23.47 0.64
C LYS C 95 -24.01 -23.35 -0.36
N ASN C 96 -24.65 -24.44 -0.68
CA ASN C 96 -25.74 -24.45 -1.63
C ASN C 96 -27.00 -23.74 -1.06
N TRP C 97 -27.22 -24.01 0.21
CA TRP C 97 -28.46 -23.43 0.80
C TRP C 97 -28.41 -21.92 0.66
N LEU C 98 -27.30 -21.32 1.02
CA LEU C 98 -27.16 -19.85 1.02
C LEU C 98 -27.35 -19.27 -0.36
N VAL C 99 -26.63 -19.76 -1.36
CA VAL C 99 -26.73 -19.30 -2.75
C VAL C 99 -28.18 -19.33 -3.24
N ASN C 100 -28.83 -20.44 -3.02
CA ASN C 100 -30.21 -20.61 -3.43
C ASN C 100 -31.21 -19.73 -2.69
N HIS C 101 -30.97 -19.63 -1.36
CA HIS C 101 -31.89 -18.78 -0.53
C HIS C 101 -31.88 -17.35 -1.04
N ILE C 102 -30.68 -16.78 -1.26
CA ILE C 102 -30.66 -15.39 -1.67
C ILE C 102 -31.27 -15.24 -3.06
N LYS C 103 -30.80 -16.08 -3.98
CA LYS C 103 -31.18 -15.88 -5.38
C LYS C 103 -32.58 -16.30 -5.72
N THR C 104 -33.23 -17.06 -4.92
CA THR C 104 -34.64 -17.41 -5.20
C THR C 104 -35.60 -16.86 -4.15
N ILE C 105 -35.31 -16.81 -2.87
CA ILE C 105 -36.24 -16.33 -1.84
C ILE C 105 -36.04 -14.83 -1.50
N ASP C 106 -34.79 -14.47 -1.15
CA ASP C 106 -34.52 -13.06 -0.88
C ASP C 106 -34.85 -12.26 -2.15
N PHE C 107 -34.45 -12.74 -3.32
CA PHE C 107 -34.72 -11.95 -4.50
C PHE C 107 -36.20 -11.67 -4.69
N LYS C 108 -37.09 -12.42 -4.16
CA LYS C 108 -38.53 -12.18 -4.33
C LYS C 108 -39.00 -10.91 -3.63
N TYR C 109 -38.37 -10.45 -2.58
CA TYR C 109 -38.86 -9.24 -1.91
C TYR C 109 -38.34 -8.02 -2.62
N ARG C 110 -37.42 -8.02 -3.54
CA ARG C 110 -36.91 -6.78 -4.12
C ARG C 110 -38.03 -5.95 -4.72
N GLY C 111 -38.08 -4.68 -4.36
CA GLY C 111 -39.11 -3.76 -4.85
C GLY C 111 -40.35 -3.76 -4.02
N LYS C 112 -40.43 -4.66 -3.06
CA LYS C 112 -41.68 -4.77 -2.28
C LYS C 112 -41.47 -4.35 -0.86
N ILE C 113 -40.26 -4.15 -0.43
CA ILE C 113 -39.96 -3.75 0.95
C ILE C 113 -39.01 -2.54 0.94
N GLY D 1 6.38 -9.58 8.33
CA GLY D 1 5.17 -8.61 7.98
C GLY D 1 3.92 -9.43 8.22
N PHE D 2 2.71 -8.86 8.16
CA PHE D 2 1.54 -9.73 8.43
C PHE D 2 1.30 -10.65 7.23
N PRO D 3 0.75 -11.81 7.49
CA PRO D 3 0.29 -12.68 6.39
C PRO D 3 -0.92 -12.05 5.66
N ILE D 4 -0.95 -12.10 4.35
CA ILE D 4 -2.06 -11.65 3.53
C ILE D 4 -2.97 -12.86 3.31
N PRO D 5 -4.18 -12.89 3.84
CA PRO D 5 -5.08 -14.01 3.62
C PRO D 5 -5.23 -14.29 2.14
N ASP D 6 -5.27 -15.56 1.80
CA ASP D 6 -5.55 -16.06 0.46
C ASP D 6 -6.53 -17.27 0.58
N PRO D 7 -7.76 -17.16 0.10
CA PRO D 7 -8.37 -15.99 -0.55
C PRO D 7 -8.49 -14.83 0.43
N TYR D 8 -8.59 -13.66 -0.11
CA TYR D 8 -8.65 -12.41 0.65
C TYR D 8 -10.07 -12.17 1.21
N CYS D 9 -10.32 -12.88 2.28
CA CYS D 9 -11.58 -12.75 3.04
C CYS D 9 -11.11 -12.78 4.51
N TRP D 10 -12.02 -12.12 5.26
CA TRP D 10 -11.76 -11.97 6.71
C TRP D 10 -11.56 -13.28 7.40
N ASP D 11 -10.76 -13.30 8.45
CA ASP D 11 -10.61 -14.54 9.30
C ASP D 11 -10.65 -14.08 10.75
N ILE D 12 -10.71 -15.02 11.67
CA ILE D 12 -10.88 -14.61 13.08
C ILE D 12 -9.66 -14.01 13.70
N SER D 13 -8.50 -14.06 13.05
CA SER D 13 -7.34 -13.41 13.62
C SER D 13 -7.58 -11.89 13.58
N PHE D 14 -8.59 -11.43 12.83
CA PHE D 14 -8.83 -9.97 12.71
C PHE D 14 -9.86 -9.54 13.70
N ARG D 15 -10.29 -10.45 14.55
CA ARG D 15 -11.35 -10.06 15.52
C ARG D 15 -10.97 -8.93 16.45
N THR D 16 -11.84 -7.94 16.60
CA THR D 16 -11.69 -6.83 17.48
C THR D 16 -12.52 -7.09 18.77
N PHE D 17 -13.47 -7.99 18.65
CA PHE D 17 -14.44 -8.37 19.65
C PHE D 17 -15.55 -7.33 19.73
N TYR D 18 -15.65 -6.42 18.85
CA TYR D 18 -16.81 -5.54 18.72
C TYR D 18 -17.53 -6.14 17.52
N THR D 19 -18.61 -6.80 17.74
CA THR D 19 -19.29 -7.53 16.62
C THR D 19 -19.75 -6.65 15.53
N ILE D 20 -20.22 -5.45 15.75
CA ILE D 20 -20.62 -4.56 14.64
C ILE D 20 -19.41 -4.16 13.82
N ILE D 21 -18.28 -3.89 14.48
CA ILE D 21 -17.03 -3.57 13.83
C ILE D 21 -16.54 -4.77 12.96
N VAL D 21 -18.28 -3.89 14.48
CA VAL D 21 -17.03 -3.57 13.83
C VAL D 21 -16.54 -4.77 12.96
N ASP D 22 -16.47 -5.93 13.59
CA ASP D 22 -16.01 -7.12 12.85
C ASP D 22 -16.86 -7.32 11.60
N ASP D 23 -18.18 -7.17 11.75
CA ASP D 23 -19.05 -7.39 10.53
C ASP D 23 -18.75 -6.39 9.46
N GLU D 24 -18.52 -5.10 9.80
CA GLU D 24 -18.17 -4.14 8.79
C GLU D 24 -16.83 -4.51 8.19
N HIS D 25 -15.90 -4.93 9.03
CA HIS D 25 -14.59 -5.36 8.47
C HIS D 25 -14.72 -6.46 7.45
N LYS D 26 -15.64 -7.38 7.59
CA LYS D 26 -15.80 -8.46 6.58
C LYS D 26 -16.13 -7.87 5.22
N THR D 27 -16.88 -6.74 5.23
CA THR D 27 -17.28 -6.09 3.97
C THR D 27 -16.09 -5.46 3.30
N LEU D 28 -15.11 -4.96 4.06
CA LEU D 28 -13.92 -4.32 3.43
C LEU D 28 -13.05 -5.36 2.71
N PHE D 29 -12.83 -6.49 3.35
CA PHE D 29 -12.12 -7.63 2.72
C PHE D 29 -12.85 -7.99 1.41
N ASN D 30 -14.14 -8.17 1.50
CA ASN D 30 -14.92 -8.55 0.31
C ASN D 30 -14.71 -7.53 -0.78
N GLY D 31 -14.77 -6.23 -0.53
CA GLY D 31 -14.66 -5.17 -1.52
C GLY D 31 -13.32 -5.26 -2.25
N ILE D 32 -12.23 -5.46 -1.55
CA ILE D 32 -10.88 -5.59 -2.15
C ILE D 32 -10.81 -6.88 -2.94
N LEU D 33 -11.35 -7.98 -2.38
CA LEU D 33 -11.38 -9.21 -3.19
C LEU D 33 -12.04 -8.97 -4.54
N LEU D 34 -13.20 -8.31 -4.56
CA LEU D 34 -13.86 -8.05 -5.85
C LEU D 34 -12.92 -7.30 -6.76
N LEU D 35 -12.30 -6.25 -6.29
CA LEU D 35 -11.41 -5.46 -7.15
C LEU D 35 -10.31 -6.35 -7.73
N SER D 36 -9.86 -7.28 -6.90
CA SER D 36 -8.83 -8.24 -7.27
C SER D 36 -9.31 -9.15 -8.41
N GLN D 37 -10.59 -9.42 -8.47
CA GLN D 37 -11.19 -10.25 -9.52
C GLN D 37 -11.41 -9.44 -10.78
N ALA D 38 -11.85 -8.20 -10.64
CA ALA D 38 -12.11 -7.35 -11.78
C ALA D 38 -12.10 -5.92 -11.27
N ASP D 39 -11.23 -5.17 -11.85
CA ASP D 39 -11.12 -3.77 -11.46
C ASP D 39 -12.08 -2.98 -12.32
N ASN D 40 -13.28 -2.74 -11.78
CA ASN D 40 -14.30 -1.95 -12.53
C ASN D 40 -14.98 -0.96 -11.58
N ALA D 41 -15.91 -0.18 -12.08
CA ALA D 41 -16.58 0.82 -11.28
C ALA D 41 -17.53 0.19 -10.26
N ASP D 42 -18.27 -0.83 -10.57
CA ASP D 42 -19.18 -1.49 -9.65
C ASP D 42 -18.43 -1.93 -8.37
N HIS D 43 -17.39 -2.69 -8.60
CA HIS D 43 -16.58 -3.19 -7.47
C HIS D 43 -16.03 -2.07 -6.64
N LEU D 44 -15.50 -1.03 -7.28
CA LEU D 44 -14.93 0.12 -6.64
C LEU D 44 -15.99 0.84 -5.80
N ASN D 45 -17.15 1.03 -6.41
CA ASN D 45 -18.26 1.69 -5.71
C ASN D 45 -18.60 0.91 -4.44
N GLU D 46 -18.68 -0.42 -4.61
CA GLU D 46 -19.00 -1.25 -3.47
C GLU D 46 -17.99 -1.06 -2.34
N LEU D 47 -16.71 -1.15 -2.62
CA LEU D 47 -15.68 -0.96 -1.60
C LEU D 47 -15.78 0.46 -1.02
N ARG D 48 -15.87 1.46 -1.91
CA ARG D 48 -15.90 2.86 -1.48
C ARG D 48 -17.05 3.17 -0.55
N ARG D 49 -18.24 2.65 -0.83
CA ARG D 49 -19.38 2.83 0.06
C ARG D 49 -19.05 2.17 1.41
N CYS D 50 -18.74 0.89 1.39
CA CYS D 50 -18.46 0.16 2.65
C CYS D 50 -17.35 0.78 3.44
N THR D 51 -16.30 1.27 2.83
CA THR D 51 -15.21 1.94 3.51
C THR D 51 -15.71 3.26 4.09
N GLY D 52 -16.37 4.14 3.35
CA GLY D 52 -16.89 5.43 3.85
C GLY D 52 -17.79 5.20 5.12
N LYS D 53 -18.71 4.25 5.03
CA LYS D 53 -19.63 3.90 6.07
C LYS D 53 -18.85 3.31 7.29
N HIS D 54 -17.96 2.35 7.10
CA HIS D 54 -17.20 1.79 8.22
C HIS D 54 -16.39 2.84 8.94
N PHE D 55 -15.65 3.67 8.23
CA PHE D 55 -14.79 4.73 8.82
C PHE D 55 -15.61 5.66 9.67
N LEU D 56 -16.75 6.06 9.16
CA LEU D 56 -17.63 6.93 9.93
C LEU D 56 -18.16 6.22 11.16
N ASN D 57 -18.63 5.03 11.08
CA ASN D 57 -19.18 4.25 12.21
C ASN D 57 -18.09 4.01 13.24
N GLU D 58 -16.91 3.62 12.73
CA GLU D 58 -15.85 3.38 13.71
C GLU D 58 -15.44 4.64 14.36
N GLN D 59 -15.42 5.81 13.72
CA GLN D 59 -15.12 7.12 14.24
C GLN D 59 -16.16 7.56 15.28
N GLN D 60 -17.39 7.24 15.02
CA GLN D 60 -18.46 7.54 16.01
C GLN D 60 -18.28 6.75 17.28
N LEU D 61 -18.00 5.45 17.15
CA LEU D 61 -17.78 4.62 18.35
C LEU D 61 -16.60 5.16 19.14
N MET D 62 -15.51 5.59 18.47
CA MET D 62 -14.38 6.17 19.14
C MET D 62 -14.82 7.43 19.89
N GLN D 63 -15.53 8.29 19.27
CA GLN D 63 -15.96 9.55 19.92
C GLN D 63 -16.83 9.33 21.12
N ALA D 64 -17.62 8.28 21.14
CA ALA D 64 -18.59 8.01 22.21
C ALA D 64 -17.87 7.76 23.56
N SER D 65 -16.61 7.34 23.49
CA SER D 65 -15.85 7.16 24.75
C SER D 65 -14.71 8.17 24.78
N GLN D 66 -14.80 9.19 23.92
CA GLN D 66 -13.80 10.23 23.84
C GLN D 66 -12.42 9.61 23.67
N TYR D 67 -12.31 8.60 22.83
CA TYR D 67 -11.04 7.92 22.57
C TYR D 67 -9.86 8.84 22.34
N ALA D 68 -8.78 8.65 23.14
CA ALA D 68 -7.59 9.53 23.03
C ALA D 68 -6.88 9.40 21.70
N GLY D 69 -7.01 8.26 21.03
CA GLY D 69 -6.27 8.10 19.75
C GLY D 69 -7.11 8.46 18.55
N TYR D 70 -8.20 9.16 18.72
CA TYR D 70 -9.10 9.47 17.58
C TYR D 70 -8.44 10.22 16.43
N ALA D 71 -7.80 11.34 16.73
CA ALA D 71 -7.28 12.22 15.70
C ALA D 71 -6.33 11.46 14.83
N GLU D 72 -5.39 10.73 15.39
CA GLU D 72 -4.46 9.97 14.54
C GLU D 72 -5.18 8.92 13.71
N HIS D 73 -6.21 8.31 14.25
CA HIS D 73 -6.97 7.25 13.59
C HIS D 73 -7.80 7.87 12.46
N LYS D 74 -8.45 8.98 12.69
CA LYS D 74 -9.22 9.60 11.62
C LYS D 74 -8.34 9.98 10.44
N LYS D 75 -7.15 10.41 10.69
CA LYS D 75 -6.18 10.79 9.67
C LYS D 75 -5.84 9.60 8.78
N ALA D 76 -5.63 8.44 9.36
CA ALA D 76 -5.32 7.22 8.58
C ALA D 76 -6.49 6.87 7.68
N HIS D 77 -7.71 6.96 8.19
CA HIS D 77 -8.97 6.69 7.49
C HIS D 77 -9.08 7.66 6.31
N ASP D 78 -8.90 8.93 6.59
CA ASP D 78 -9.07 9.96 5.55
C ASP D 78 -8.08 9.75 4.40
N ASP D 79 -6.92 9.36 4.69
CA ASP D 79 -5.89 9.11 3.67
C ASP D 79 -6.30 7.95 2.81
N PHE D 80 -6.88 6.92 3.40
CA PHE D 80 -7.28 5.78 2.57
C PHE D 80 -8.46 6.15 1.69
N ILE D 81 -9.38 6.97 2.16
CA ILE D 81 -10.52 7.41 1.35
C ILE D 81 -9.93 8.16 0.12
N HIS D 82 -8.97 8.97 0.43
CA HIS D 82 -8.34 9.74 -0.66
C HIS D 82 -7.75 8.78 -1.68
N LYS D 83 -7.09 7.73 -1.27
CA LYS D 83 -6.57 6.73 -2.22
C LYS D 83 -7.71 6.12 -3.02
N LEU D 84 -8.86 5.79 -2.47
CA LEU D 84 -9.95 5.25 -3.26
C LEU D 84 -10.56 6.30 -4.15
N ASP D 85 -10.59 7.52 -3.76
CA ASP D 85 -11.20 8.58 -4.61
C ASP D 85 -10.28 8.89 -5.81
N THR D 86 -9.05 8.47 -5.69
CA THR D 86 -8.04 8.65 -6.78
C THR D 86 -7.50 7.28 -7.19
N TRP D 87 -8.30 6.24 -7.21
CA TRP D 87 -7.97 4.84 -7.42
C TRP D 87 -6.91 4.67 -8.56
N ASP D 88 -5.82 3.99 -8.23
CA ASP D 88 -4.72 3.81 -9.17
C ASP D 88 -4.68 2.39 -9.65
N GLY D 89 -5.61 1.57 -9.25
CA GLY D 89 -5.64 0.16 -9.70
C GLY D 89 -4.73 -0.72 -8.87
N ASP D 90 -4.03 -0.17 -7.87
CA ASP D 90 -3.11 -0.94 -7.07
C ASP D 90 -3.82 -1.72 -5.97
N VAL D 91 -4.28 -2.92 -6.34
CA VAL D 91 -4.96 -3.81 -5.40
C VAL D 91 -4.06 -4.27 -4.26
N THR D 92 -2.79 -4.57 -4.68
CA THR D 92 -1.78 -5.01 -3.73
C THR D 92 -1.67 -4.04 -2.56
N TYR D 93 -1.58 -2.77 -2.91
CA TYR D 93 -1.47 -1.74 -1.87
C TYR D 93 -2.70 -1.87 -0.91
N ALA D 94 -3.85 -1.91 -1.53
CA ALA D 94 -5.08 -1.97 -0.75
C ALA D 94 -5.10 -3.21 0.11
N LYS D 95 -4.71 -4.37 -0.42
CA LYS D 95 -4.76 -5.62 0.37
C LYS D 95 -3.91 -5.47 1.62
N ASN D 96 -2.73 -4.91 1.40
CA ASN D 96 -1.75 -4.65 2.45
C ASN D 96 -2.26 -3.56 3.42
N TRP D 97 -2.81 -2.49 2.91
CA TRP D 97 -3.25 -1.42 3.77
C TRP D 97 -4.27 -1.93 4.77
N LEU D 98 -5.23 -2.66 4.30
CA LEU D 98 -6.33 -3.13 5.22
C LEU D 98 -5.79 -4.00 6.32
N VAL D 99 -5.01 -5.03 5.98
CA VAL D 99 -4.49 -5.92 7.00
C VAL D 99 -3.77 -5.13 8.09
N ASN D 100 -2.86 -4.30 7.67
CA ASN D 100 -2.09 -3.52 8.61
C ASN D 100 -2.99 -2.58 9.41
N HIS D 101 -3.97 -1.94 8.74
CA HIS D 101 -4.81 -0.96 9.46
C HIS D 101 -5.55 -1.64 10.61
N ILE D 102 -6.16 -2.76 10.32
CA ILE D 102 -6.92 -3.44 11.37
C ILE D 102 -6.00 -3.88 12.51
N LYS D 103 -4.92 -4.62 12.09
CA LYS D 103 -4.06 -5.26 13.10
C LYS D 103 -3.13 -4.35 13.83
N THR D 104 -2.94 -3.12 13.38
CA THR D 104 -2.08 -2.19 14.12
C THR D 104 -2.91 -1.02 14.64
N ILE D 105 -3.77 -0.37 13.88
CA ILE D 105 -4.48 0.84 14.34
C ILE D 105 -5.81 0.47 14.99
N ASP D 106 -6.64 -0.31 14.31
CA ASP D 106 -7.93 -0.65 14.97
C ASP D 106 -7.61 -1.40 16.26
N PHE D 107 -6.69 -2.36 16.22
CA PHE D 107 -6.43 -3.11 17.49
C PHE D 107 -6.10 -2.22 18.66
N LYS D 108 -5.56 -1.05 18.42
CA LYS D 108 -5.21 -0.12 19.54
C LYS D 108 -6.45 0.35 20.34
N TYR D 109 -7.64 0.42 19.72
CA TYR D 109 -8.76 0.93 20.52
C TYR D 109 -9.38 -0.19 21.32
N ARG D 110 -9.00 -1.45 21.17
CA ARG D 110 -9.68 -2.55 21.89
C ARG D 110 -9.67 -2.39 23.41
N GLY D 111 -10.83 -2.43 24.08
CA GLY D 111 -10.87 -2.20 25.54
C GLY D 111 -10.96 -0.76 25.91
N LYS D 112 -10.93 0.20 25.01
CA LYS D 112 -10.95 1.64 25.31
C LYS D 112 -12.17 2.34 24.83
N ILE D 113 -12.99 1.65 24.04
CA ILE D 113 -14.24 2.16 23.46
C ILE D 113 -15.34 1.14 23.66
#